data_9ODW
#
_entry.id   9ODW
#
_cell.length_a   67.640
_cell.length_b   67.640
_cell.length_c   106.670
_cell.angle_alpha   90.000
_cell.angle_beta   90.000
_cell.angle_gamma   90.000
#
_symmetry.space_group_name_H-M   'P 43 21 2'
#
loop_
_entity.id
_entity.type
_entity.pdbx_description
1 polymer 'Proteinase K'
2 non-polymer 'CALCIUM ION'
3 non-polymer 'NITRATE ION'
4 water water
#
_entity_poly.entity_id   1
_entity_poly.type   'polypeptide(L)'
_entity_poly.pdbx_seq_one_letter_code
;AAQTNAPWGLARISSTSPGTSTYYYDESAGQGSCVYVIDTGIEASHPEFEGRAQMVKTYYYSSRDGNGHGTHCAGTVGSR
TYGVAKKTQLFGVKVLDDNGSGQYSTIIAGMDFVASDKNNRNCPKGVVASLSLGGGYSSSVNSAAARLQSSGVMVAVAAG
NNNADARNYSPASEPSVCTVGASDRYDRRSSFSNYGSVLDIFGPGTDILSTWIGGSTRSISGTSMATPHVAGLAAYLMTL
GKTTAASACRYIADTANKGDLSNIPFGTVNLLAYNNYQA
;
_entity_poly.pdbx_strand_id   A
#
loop_
_chem_comp.id
_chem_comp.type
_chem_comp.name
_chem_comp.formula
CA non-polymer 'CALCIUM ION' 'Ca 2'
NO3 non-polymer 'NITRATE ION' 'N O3 -1'
#
# COMPACT_ATOMS: atom_id res chain seq x y z
N ALA A 1 10.11 18.73 -3.43
CA ALA A 1 11.22 17.84 -3.77
C ALA A 1 10.92 17.13 -5.08
N ALA A 2 11.96 16.67 -5.74
CA ALA A 2 11.80 16.02 -7.03
C ALA A 2 12.83 14.91 -7.10
N GLN A 3 12.38 13.71 -7.42
CA GLN A 3 13.30 12.60 -7.65
C GLN A 3 13.32 12.34 -9.16
N THR A 4 14.45 12.60 -9.79
N THR A 4 14.45 12.61 -9.79
CA THR A 4 14.54 12.40 -11.23
CA THR A 4 14.56 12.40 -11.22
C THR A 4 14.69 10.91 -11.52
C THR A 4 14.73 10.92 -11.53
N ASN A 5 14.24 10.52 -12.71
CA ASN A 5 14.35 9.12 -13.15
C ASN A 5 13.78 8.17 -12.10
N ALA A 6 12.64 8.56 -11.53
CA ALA A 6 12.02 7.74 -10.51
C ALA A 6 11.32 6.56 -11.16
N PRO A 7 11.06 5.50 -10.39
CA PRO A 7 10.18 4.44 -10.88
C PRO A 7 8.88 5.05 -11.41
N TRP A 8 8.39 4.48 -12.51
CA TRP A 8 7.25 5.08 -13.21
C TRP A 8 6.06 5.31 -12.28
N GLY A 9 5.82 4.38 -11.35
CA GLY A 9 4.67 4.51 -10.47
C GLY A 9 4.75 5.72 -9.57
N LEU A 10 5.95 6.03 -9.06
CA LEU A 10 6.10 7.24 -8.28
C LEU A 10 5.88 8.46 -9.16
N ALA A 11 6.44 8.44 -10.37
CA ALA A 11 6.15 9.54 -11.28
C ALA A 11 4.66 9.66 -11.54
N ARG A 12 3.96 8.54 -11.69
CA ARG A 12 2.55 8.58 -12.05
C ARG A 12 1.71 9.18 -10.93
N ILE A 13 2.01 8.85 -9.68
N ILE A 13 2.04 8.82 -9.69
CA ILE A 13 1.18 9.41 -8.62
CA ILE A 13 1.38 9.35 -8.48
C ILE A 13 1.43 10.89 -8.37
C ILE A 13 1.39 10.87 -8.48
N SER A 14 2.44 11.48 -9.01
CA SER A 14 2.64 12.92 -8.90
C SER A 14 2.41 13.64 -10.21
N SER A 15 1.63 13.06 -11.12
CA SER A 15 1.36 13.69 -12.40
C SER A 15 -0.12 13.52 -12.75
N THR A 16 -0.67 14.45 -13.53
CA THR A 16 -2.02 14.24 -14.04
C THR A 16 -2.00 13.40 -15.29
N SER A 17 -0.82 13.12 -15.84
CA SER A 17 -0.69 12.42 -17.10
C SER A 17 0.33 11.30 -17.00
N PRO A 18 0.15 10.25 -17.79
CA PRO A 18 1.15 9.15 -17.81
C PRO A 18 2.37 9.58 -18.59
N GLY A 19 3.45 8.83 -18.37
CA GLY A 19 4.64 8.98 -19.20
C GLY A 19 5.70 9.93 -18.68
N THR A 20 5.57 10.45 -17.47
CA THR A 20 6.59 11.31 -16.90
C THR A 20 7.60 10.47 -16.11
N SER A 21 8.69 11.10 -15.68
CA SER A 21 9.77 10.37 -15.05
C SER A 21 10.23 10.93 -13.73
N THR A 22 9.78 12.10 -13.32
CA THR A 22 10.17 12.71 -12.07
C THR A 22 9.06 12.54 -11.03
N TYR A 23 9.45 12.18 -9.81
CA TYR A 23 8.49 12.08 -8.69
C TYR A 23 8.59 13.37 -7.91
N TYR A 24 7.51 14.16 -7.96
N TYR A 24 7.53 14.19 -7.99
CA TYR A 24 7.40 15.43 -7.28
CA TYR A 24 7.44 15.42 -7.24
C TYR A 24 6.62 15.20 -5.99
C TYR A 24 6.65 15.16 -5.98
N TYR A 25 7.20 15.55 -4.84
CA TYR A 25 6.57 15.29 -3.55
C TYR A 25 7.05 16.29 -2.52
N ASP A 26 6.20 16.61 -1.55
CA ASP A 26 6.59 17.50 -0.47
C ASP A 26 7.68 16.84 0.38
N GLU A 27 8.66 17.65 0.78
N GLU A 27 8.68 17.63 0.77
CA GLU A 27 9.83 17.14 1.48
CA GLU A 27 9.84 17.06 1.46
C GLU A 27 9.50 16.50 2.82
C GLU A 27 9.49 16.45 2.82
N SER A 28 8.32 16.76 3.38
CA SER A 28 7.98 16.12 4.66
C SER A 28 7.91 14.60 4.52
N ALA A 29 7.48 14.10 3.36
CA ALA A 29 7.73 12.71 2.96
C ALA A 29 7.17 11.70 3.97
N GLY A 30 6.07 12.02 4.64
CA GLY A 30 5.56 11.02 5.54
C GLY A 30 6.25 10.95 6.89
N GLN A 31 7.16 11.87 7.17
N GLN A 31 7.17 11.87 7.18
CA GLN A 31 7.81 11.87 8.47
CA GLN A 31 7.81 11.83 8.48
C GLN A 31 6.76 12.01 9.58
C GLN A 31 6.77 12.01 9.58
N GLY A 32 6.91 11.21 10.64
CA GLY A 32 5.96 11.25 11.74
C GLY A 32 4.79 10.28 11.61
N SER A 33 4.58 9.72 10.43
CA SER A 33 3.60 8.66 10.25
C SER A 33 4.27 7.30 10.39
N CYS A 34 3.45 6.28 10.53
N CYS A 34 3.47 6.26 10.56
CA CYS A 34 3.90 4.91 10.67
CA CYS A 34 4.04 4.92 10.64
C CYS A 34 3.06 4.06 9.75
C CYS A 34 3.13 3.92 9.94
N VAL A 35 3.71 3.15 9.04
CA VAL A 35 2.99 2.20 8.19
C VAL A 35 3.41 0.81 8.61
N TYR A 36 2.42 0.00 8.96
CA TYR A 36 2.63 -1.41 9.23
C TYR A 36 2.49 -2.16 7.93
N VAL A 37 3.50 -2.93 7.58
CA VAL A 37 3.44 -3.74 6.38
C VAL A 37 3.18 -5.16 6.85
N ILE A 38 1.99 -5.65 6.58
CA ILE A 38 1.55 -6.95 7.08
C ILE A 38 1.76 -7.92 5.92
N ASP A 39 2.79 -8.73 6.00
CA ASP A 39 3.24 -9.44 4.80
C ASP A 39 4.22 -10.52 5.18
N THR A 40 5.23 -10.77 4.35
CA THR A 40 6.23 -11.79 4.63
C THR A 40 7.34 -11.25 5.54
N GLY A 41 7.22 -10.03 6.02
CA GLY A 41 8.27 -9.41 6.80
C GLY A 41 8.96 -8.32 5.98
N ILE A 42 9.98 -7.73 6.57
CA ILE A 42 10.75 -6.66 5.94
C ILE A 42 12.21 -6.91 6.26
N GLU A 43 13.06 -6.88 5.23
CA GLU A 43 14.50 -6.95 5.47
C GLU A 43 14.93 -5.56 5.93
N ALA A 44 14.82 -5.33 7.25
CA ALA A 44 15.05 -4.00 7.79
C ALA A 44 16.46 -3.49 7.52
N SER A 45 17.42 -4.40 7.39
CA SER A 45 18.81 -4.02 7.18
C SER A 45 19.09 -3.46 5.80
N HIS A 46 18.13 -3.57 4.85
CA HIS A 46 18.34 -3.05 3.52
C HIS A 46 18.75 -1.59 3.60
N PRO A 47 19.85 -1.20 2.97
CA PRO A 47 20.28 0.21 3.03
C PRO A 47 19.20 1.18 2.59
N GLU A 48 18.25 0.74 1.75
CA GLU A 48 17.23 1.65 1.27
C GLU A 48 16.23 2.06 2.34
N PHE A 49 16.15 1.33 3.45
CA PHE A 49 15.26 1.73 4.54
C PHE A 49 15.91 2.69 5.49
N GLU A 50 17.26 2.81 5.45
CA GLU A 50 17.95 3.87 6.18
C GLU A 50 17.66 3.83 7.68
N GLY A 51 17.46 2.64 8.24
CA GLY A 51 17.18 2.52 9.65
C GLY A 51 15.73 2.73 10.03
N ARG A 52 14.86 3.10 9.10
CA ARG A 52 13.50 3.45 9.42
C ARG A 52 12.55 2.27 9.44
N ALA A 53 13.04 1.05 9.20
CA ALA A 53 12.21 -0.14 9.18
C ALA A 53 12.58 -1.05 10.34
N GLN A 54 11.58 -1.66 10.96
CA GLN A 54 11.90 -2.70 11.93
C GLN A 54 10.78 -3.72 11.96
N MET A 55 11.15 -4.97 12.23
CA MET A 55 10.18 -5.99 12.51
C MET A 55 9.64 -5.80 13.92
N VAL A 56 8.32 -5.92 14.06
CA VAL A 56 7.68 -5.84 15.35
C VAL A 56 6.95 -7.11 15.75
N LYS A 57 6.64 -8.00 14.82
CA LYS A 57 5.91 -9.21 15.14
C LYS A 57 6.12 -10.23 14.04
N THR A 58 6.31 -11.49 14.42
CA THR A 58 6.27 -12.57 13.46
C THR A 58 5.39 -13.67 13.99
N TYR A 59 4.72 -14.37 13.08
CA TYR A 59 3.93 -15.52 13.44
C TYR A 59 4.62 -16.79 13.02
N TYR A 60 5.92 -16.70 12.72
CA TYR A 60 6.66 -17.88 12.28
C TYR A 60 7.97 -17.98 13.06
N TYR A 61 8.84 -18.93 12.68
CA TYR A 61 10.02 -19.22 13.48
C TYR A 61 10.97 -18.05 13.53
N SER A 62 11.02 -17.26 12.46
CA SER A 62 11.92 -16.13 12.38
C SER A 62 11.11 -14.93 11.95
N SER A 63 11.65 -13.74 12.21
CA SER A 63 11.10 -12.51 11.65
C SER A 63 11.68 -12.19 10.29
N ARG A 64 12.65 -12.96 9.82
CA ARG A 64 13.30 -12.68 8.56
C ARG A 64 12.32 -12.79 7.40
N ASP A 65 12.43 -11.85 6.47
CA ASP A 65 11.71 -11.96 5.21
C ASP A 65 12.49 -12.93 4.33
N GLY A 66 12.05 -14.18 4.29
CA GLY A 66 12.72 -15.14 3.43
C GLY A 66 12.12 -15.21 2.05
N ASN A 67 11.18 -14.32 1.73
CA ASN A 67 10.53 -14.32 0.44
C ASN A 67 10.91 -13.12 -0.43
N GLY A 68 10.79 -11.92 0.11
CA GLY A 68 11.04 -10.69 -0.62
C GLY A 68 9.81 -9.86 -0.85
N HIS A 69 8.64 -10.50 -0.91
CA HIS A 69 7.41 -9.76 -1.19
C HIS A 69 7.18 -8.63 -0.20
N GLY A 70 7.26 -8.92 1.11
CA GLY A 70 7.04 -7.87 2.07
C GLY A 70 8.10 -6.80 2.02
N THR A 71 9.34 -7.18 1.72
CA THR A 71 10.38 -6.19 1.55
C THR A 71 10.07 -5.28 0.35
N HIS A 72 9.56 -5.87 -0.73
CA HIS A 72 9.24 -5.09 -1.92
C HIS A 72 8.12 -4.10 -1.63
N CYS A 73 7.04 -4.58 -0.97
CA CYS A 73 5.93 -3.70 -0.66
C CYS A 73 6.37 -2.60 0.29
N ALA A 74 7.16 -2.98 1.32
CA ALA A 74 7.67 -1.98 2.25
C ALA A 74 8.51 -0.95 1.52
N GLY A 75 9.30 -1.39 0.51
CA GLY A 75 10.09 -0.41 -0.24
C GLY A 75 9.21 0.57 -1.01
N THR A 76 8.06 0.10 -1.53
CA THR A 76 7.16 1.01 -2.23
C THR A 76 6.48 1.97 -1.27
N VAL A 77 6.20 1.54 -0.04
CA VAL A 77 5.70 2.49 0.94
C VAL A 77 6.75 3.55 1.23
N GLY A 78 7.96 3.12 1.61
CA GLY A 78 8.85 4.05 2.27
C GLY A 78 10.35 3.90 2.09
N SER A 79 10.82 3.16 1.08
CA SER A 79 12.27 3.15 0.88
C SER A 79 12.69 4.48 0.29
N ARG A 80 13.98 4.78 0.40
CA ARG A 80 14.51 6.03 -0.14
C ARG A 80 14.24 6.20 -1.63
N THR A 81 14.66 5.23 -2.45
CA THR A 81 14.59 5.37 -3.89
C THR A 81 13.24 4.91 -4.46
N TYR A 82 12.59 3.95 -3.83
CA TYR A 82 11.42 3.34 -4.42
C TYR A 82 10.13 3.68 -3.69
N GLY A 83 10.20 4.47 -2.63
CA GLY A 83 9.07 4.71 -1.74
C GLY A 83 8.26 5.96 -2.05
N VAL A 84 6.96 5.88 -1.78
CA VAL A 84 6.10 7.05 -1.84
C VAL A 84 6.39 8.01 -0.67
N ALA A 85 6.50 7.46 0.53
CA ALA A 85 6.64 8.26 1.74
C ALA A 85 8.03 7.98 2.29
N LYS A 86 9.01 8.73 1.81
CA LYS A 86 10.42 8.35 1.96
C LYS A 86 10.93 8.53 3.39
N LYS A 87 10.16 9.17 4.27
CA LYS A 87 10.59 9.36 5.64
C LYS A 87 9.64 8.75 6.66
N THR A 88 8.69 7.93 6.22
CA THR A 88 7.84 7.25 7.19
C THR A 88 8.62 6.20 7.98
N GLN A 89 8.01 5.74 9.08
N GLN A 89 7.98 5.70 9.04
CA GLN A 89 8.52 4.61 9.83
CA GLN A 89 8.50 4.60 9.85
C GLN A 89 7.80 3.37 9.33
C GLN A 89 7.78 3.34 9.45
N LEU A 90 8.54 2.28 9.17
CA LEU A 90 7.96 1.03 8.67
C LEU A 90 8.03 -0.01 9.77
N PHE A 91 6.92 -0.69 10.01
CA PHE A 91 6.86 -1.77 10.98
C PHE A 91 6.43 -3.02 10.26
N GLY A 92 7.20 -4.08 10.37
CA GLY A 92 6.90 -5.32 9.70
C GLY A 92 6.19 -6.27 10.63
N VAL A 93 5.11 -6.86 10.13
CA VAL A 93 4.33 -7.87 10.83
C VAL A 93 4.28 -9.06 9.89
N LYS A 94 4.99 -10.12 10.22
CA LYS A 94 5.13 -11.24 9.29
C LYS A 94 4.00 -12.22 9.51
N VAL A 95 2.93 -12.07 8.72
CA VAL A 95 1.84 -13.01 8.79
C VAL A 95 1.92 -14.04 7.68
N LEU A 96 2.77 -13.83 6.68
CA LEU A 96 2.91 -14.76 5.58
C LEU A 96 4.24 -15.48 5.71
N ASP A 97 4.22 -16.74 5.34
CA ASP A 97 5.45 -17.52 5.38
C ASP A 97 6.39 -17.14 4.24
N ASP A 98 7.53 -17.80 4.19
CA ASP A 98 8.55 -17.46 3.21
C ASP A 98 8.18 -17.94 1.81
N ASN A 99 7.10 -18.67 1.65
CA ASN A 99 6.51 -18.92 0.35
C ASN A 99 5.45 -17.91 -0.04
N GLY A 100 5.19 -16.92 0.81
CA GLY A 100 4.17 -15.92 0.54
C GLY A 100 2.77 -16.29 0.95
N SER A 101 2.59 -17.38 1.69
CA SER A 101 1.26 -17.89 2.04
C SER A 101 1.02 -17.71 3.52
N GLY A 102 -0.25 -17.63 3.91
CA GLY A 102 -0.57 -17.48 5.32
C GLY A 102 -2.00 -17.86 5.64
N GLN A 103 -2.20 -18.55 6.76
N GLN A 103 -2.20 -18.57 6.74
CA GLN A 103 -3.52 -18.93 7.22
CA GLN A 103 -3.56 -18.95 7.14
C GLN A 103 -4.33 -17.70 7.57
C GLN A 103 -4.34 -17.71 7.56
N TYR A 104 -5.64 -17.73 7.26
CA TYR A 104 -6.50 -16.60 7.59
C TYR A 104 -6.48 -16.27 9.08
N SER A 105 -6.45 -17.28 9.95
CA SER A 105 -6.40 -16.99 11.38
C SER A 105 -5.15 -16.23 11.76
N THR A 106 -4.02 -16.54 11.09
CA THR A 106 -2.77 -15.82 11.37
C THR A 106 -2.85 -14.40 10.84
N ILE A 107 -3.45 -14.22 9.67
CA ILE A 107 -3.61 -12.88 9.11
C ILE A 107 -4.52 -12.04 10.01
N ILE A 108 -5.62 -12.64 10.47
CA ILE A 108 -6.47 -11.94 11.41
C ILE A 108 -5.70 -11.55 12.66
N ALA A 109 -4.95 -12.50 13.23
CA ALA A 109 -4.20 -12.18 14.45
C ALA A 109 -3.28 -10.99 14.21
N GLY A 110 -2.64 -10.93 13.03
CA GLY A 110 -1.71 -9.85 12.75
C GLY A 110 -2.42 -8.51 12.63
N MET A 111 -3.64 -8.51 12.07
CA MET A 111 -4.42 -7.28 12.06
C MET A 111 -4.79 -6.84 13.47
N ASP A 112 -5.25 -7.77 14.31
CA ASP A 112 -5.55 -7.41 15.69
C ASP A 112 -4.30 -6.92 16.40
N PHE A 113 -3.17 -7.54 16.10
CA PHE A 113 -1.91 -7.13 16.70
C PHE A 113 -1.62 -5.67 16.38
N VAL A 114 -1.78 -5.27 15.12
CA VAL A 114 -1.47 -3.89 14.76
C VAL A 114 -2.39 -2.93 15.47
N ALA A 115 -3.69 -3.29 15.60
CA ALA A 115 -4.63 -2.40 16.26
C ALA A 115 -4.23 -2.12 17.69
N SER A 116 -3.63 -3.08 18.36
CA SER A 116 -3.15 -2.87 19.72
C SER A 116 -1.75 -2.26 19.73
N ASP A 117 -0.84 -2.80 18.92
CA ASP A 117 0.56 -2.42 19.01
C ASP A 117 0.75 -0.94 18.73
N LYS A 118 -0.12 -0.35 17.90
CA LYS A 118 0.05 1.05 17.55
C LYS A 118 -0.03 1.94 18.80
N ASN A 119 -0.77 1.48 19.81
CA ASN A 119 -0.91 2.22 21.05
C ASN A 119 0.39 2.33 21.83
N ASN A 120 1.42 1.56 21.48
CA ASN A 120 2.72 1.62 22.13
C ASN A 120 3.77 2.35 21.31
N ARG A 121 3.41 2.92 20.17
CA ARG A 121 4.36 3.55 19.26
C ARG A 121 4.03 5.04 19.19
N ASN A 122 5.06 5.83 18.94
N ASN A 122 5.09 5.84 19.06
CA ASN A 122 4.88 7.27 18.78
CA ASN A 122 4.95 7.26 18.73
C ASN A 122 4.77 7.56 17.28
C ASN A 122 4.75 7.35 17.22
N CYS A 123 3.53 7.66 16.78
CA CYS A 123 3.23 7.90 15.37
C CYS A 123 2.37 9.16 15.32
N PRO A 124 2.94 10.32 15.58
CA PRO A 124 2.12 11.53 15.76
C PRO A 124 1.30 11.91 14.55
N LYS A 125 1.72 11.57 13.35
CA LYS A 125 0.93 11.90 12.18
C LYS A 125 -0.04 10.80 11.79
N GLY A 126 -0.07 9.71 12.52
CA GLY A 126 -1.08 8.69 12.30
C GLY A 126 -0.48 7.39 11.79
N VAL A 127 -1.35 6.39 11.66
CA VAL A 127 -0.94 5.02 11.43
C VAL A 127 -1.68 4.49 10.21
N VAL A 128 -0.94 3.79 9.33
CA VAL A 128 -1.45 3.15 8.12
C VAL A 128 -1.07 1.68 8.20
N ALA A 129 -1.88 0.82 7.60
CA ALA A 129 -1.52 -0.59 7.46
C ALA A 129 -1.71 -0.97 6.01
N SER A 130 -0.70 -1.62 5.44
CA SER A 130 -0.72 -2.01 4.05
C SER A 130 -0.83 -3.53 4.01
N LEU A 131 -1.90 -4.03 3.38
N LEU A 131 -1.90 -4.04 3.39
CA LEU A 131 -2.19 -5.48 3.35
CA LEU A 131 -2.17 -5.47 3.36
C LEU A 131 -2.17 -5.92 1.89
C LEU A 131 -2.17 -5.93 1.90
N SER A 132 -0.99 -6.27 1.39
CA SER A 132 -0.85 -6.81 0.03
C SER A 132 -1.05 -8.31 0.09
N LEU A 133 -2.28 -8.70 0.40
CA LEU A 133 -2.58 -10.11 0.55
C LEU A 133 -4.07 -10.28 0.35
N GLY A 134 -4.49 -11.53 0.32
CA GLY A 134 -5.89 -11.87 0.31
C GLY A 134 -6.11 -13.22 -0.32
N GLY A 135 -7.30 -13.74 -0.10
CA GLY A 135 -7.77 -14.95 -0.74
C GLY A 135 -9.27 -14.85 -0.95
N GLY A 136 -9.95 -15.99 -0.89
CA GLY A 136 -11.39 -16.02 -1.07
C GLY A 136 -12.14 -15.28 0.02
N TYR A 137 -13.40 -14.98 -0.25
CA TYR A 137 -14.21 -14.23 0.69
C TYR A 137 -14.22 -14.90 2.06
N SER A 138 -14.05 -14.07 3.09
CA SER A 138 -14.16 -14.57 4.45
C SER A 138 -14.73 -13.43 5.28
N SER A 139 -15.88 -13.65 5.91
N SER A 139 -15.88 -13.67 5.90
CA SER A 139 -16.44 -12.59 6.73
CA SER A 139 -16.45 -12.64 6.77
C SER A 139 -15.55 -12.29 7.95
C SER A 139 -15.54 -12.35 7.97
N SER A 140 -14.83 -13.29 8.47
N SER A 140 -14.82 -13.36 8.47
CA SER A 140 -13.97 -13.03 9.62
CA SER A 140 -13.93 -13.14 9.59
C SER A 140 -12.73 -12.25 9.20
C SER A 140 -12.74 -12.28 9.19
N VAL A 141 -12.17 -12.52 8.01
CA VAL A 141 -11.06 -11.69 7.54
C VAL A 141 -11.54 -10.27 7.31
N ASN A 142 -12.71 -10.13 6.67
CA ASN A 142 -13.28 -8.80 6.45
C ASN A 142 -13.50 -8.08 7.76
N SER A 143 -14.03 -8.79 8.75
N SER A 143 -14.04 -8.78 8.76
CA SER A 143 -14.27 -8.18 10.04
CA SER A 143 -14.28 -8.14 10.05
C SER A 143 -12.98 -7.73 10.70
C SER A 143 -12.97 -7.73 10.71
N ALA A 144 -11.92 -8.53 10.56
CA ALA A 144 -10.64 -8.15 11.15
C ALA A 144 -10.13 -6.88 10.52
N ALA A 145 -10.30 -6.75 9.20
CA ALA A 145 -9.84 -5.54 8.55
C ALA A 145 -10.71 -4.35 8.94
N ALA A 146 -12.02 -4.59 9.12
CA ALA A 146 -12.90 -3.53 9.57
C ALA A 146 -12.54 -3.08 10.98
N ARG A 147 -12.17 -4.03 11.86
CA ARG A 147 -11.76 -3.65 13.21
C ARG A 147 -10.50 -2.82 13.15
N LEU A 148 -9.55 -3.25 12.33
CA LEU A 148 -8.30 -2.52 12.28
C LEU A 148 -8.55 -1.10 11.82
N GLN A 149 -9.40 -0.93 10.82
CA GLN A 149 -9.75 0.42 10.37
C GLN A 149 -10.46 1.20 11.48
N SER A 150 -11.42 0.57 12.13
CA SER A 150 -12.16 1.22 13.21
C SER A 150 -11.25 1.64 14.34
N SER A 151 -10.19 0.89 14.63
CA SER A 151 -9.28 1.23 15.72
C SER A 151 -8.49 2.51 15.45
N GLY A 152 -8.57 3.07 14.27
CA GLY A 152 -7.83 4.25 13.93
C GLY A 152 -6.66 4.07 13.01
N VAL A 153 -6.64 3.03 12.19
CA VAL A 153 -5.56 2.75 11.26
C VAL A 153 -6.13 2.91 9.85
N MET A 154 -5.44 3.64 9.01
CA MET A 154 -5.84 3.69 7.61
C MET A 154 -5.44 2.36 6.97
N VAL A 155 -6.43 1.53 6.64
CA VAL A 155 -6.16 0.20 6.11
C VAL A 155 -6.27 0.23 4.59
N ALA A 156 -5.20 -0.16 3.90
CA ALA A 156 -5.23 -0.29 2.45
C ALA A 156 -4.99 -1.75 2.13
N VAL A 157 -5.82 -2.32 1.25
CA VAL A 157 -5.74 -3.74 0.95
C VAL A 157 -5.75 -3.91 -0.55
N ALA A 158 -5.10 -4.98 -0.99
CA ALA A 158 -5.07 -5.31 -2.40
C ALA A 158 -6.44 -5.77 -2.91
N ALA A 159 -6.79 -5.38 -4.13
CA ALA A 159 -8.05 -5.87 -4.69
C ALA A 159 -7.96 -7.34 -5.09
N GLY A 160 -6.77 -7.83 -5.40
CA GLY A 160 -6.61 -9.19 -5.85
C GLY A 160 -6.25 -9.24 -7.32
N ASN A 161 -5.57 -10.30 -7.71
N ASN A 161 -5.59 -10.31 -7.71
CA ASN A 161 -5.02 -10.46 -9.05
CA ASN A 161 -5.03 -10.47 -9.05
C ASN A 161 -5.78 -11.51 -9.86
C ASN A 161 -5.78 -11.51 -9.87
N ASN A 162 -7.10 -11.53 -9.77
CA ASN A 162 -7.90 -12.56 -10.39
C ASN A 162 -8.63 -12.09 -11.64
N ASN A 163 -8.43 -10.84 -12.06
CA ASN A 163 -9.19 -10.26 -13.17
C ASN A 163 -10.69 -10.55 -13.00
N ALA A 164 -11.17 -10.41 -11.77
CA ALA A 164 -12.54 -10.74 -11.42
C ALA A 164 -13.08 -9.69 -10.48
N ASP A 165 -14.37 -9.81 -10.16
CA ASP A 165 -14.97 -8.88 -9.21
C ASP A 165 -14.41 -9.12 -7.81
N ALA A 166 -13.89 -8.06 -7.19
CA ALA A 166 -13.29 -8.17 -5.85
C ALA A 166 -14.30 -8.52 -4.76
N ARG A 167 -15.60 -8.52 -5.05
CA ARG A 167 -16.59 -8.89 -4.04
C ARG A 167 -16.37 -10.30 -3.52
N ASN A 168 -15.65 -11.14 -4.25
CA ASN A 168 -15.45 -12.52 -3.86
C ASN A 168 -14.10 -12.77 -3.20
N TYR A 169 -13.41 -11.73 -2.77
CA TYR A 169 -12.08 -11.88 -2.20
C TYR A 169 -12.01 -11.08 -0.91
N SER A 170 -11.13 -11.50 -0.01
CA SER A 170 -11.00 -10.81 1.26
C SER A 170 -9.51 -10.61 1.55
N PRO A 171 -9.14 -9.50 2.25
CA PRO A 171 -10.03 -8.45 2.76
C PRO A 171 -10.49 -7.46 1.70
N ALA A 172 -10.21 -7.67 0.40
CA ALA A 172 -10.63 -6.73 -0.62
C ALA A 172 -12.12 -6.36 -0.49
N SER A 173 -12.97 -7.33 -0.16
CA SER A 173 -14.40 -7.05 -0.19
C SER A 173 -14.92 -6.33 1.05
N GLU A 174 -14.08 -6.08 2.04
CA GLU A 174 -14.56 -5.34 3.21
C GLU A 174 -14.81 -3.89 2.81
N PRO A 175 -16.03 -3.40 2.91
CA PRO A 175 -16.30 -2.04 2.40
C PRO A 175 -15.52 -0.96 3.12
N SER A 176 -15.29 -1.12 4.42
CA SER A 176 -14.80 0.00 5.21
C SER A 176 -13.31 0.28 5.05
N VAL A 177 -12.55 -0.57 4.35
CA VAL A 177 -11.13 -0.31 4.14
C VAL A 177 -10.94 0.29 2.75
N CYS A 178 -9.68 0.51 2.36
CA CYS A 178 -9.38 1.11 1.06
C CYS A 178 -8.88 0.00 0.14
N THR A 179 -9.75 -0.44 -0.78
CA THR A 179 -9.42 -1.55 -1.67
C THR A 179 -8.81 -1.03 -2.95
N VAL A 180 -7.63 -1.52 -3.30
CA VAL A 180 -6.75 -0.89 -4.29
C VAL A 180 -6.59 -1.79 -5.51
N GLY A 181 -7.01 -1.29 -6.70
CA GLY A 181 -6.73 -1.95 -7.96
C GLY A 181 -5.41 -1.50 -8.55
N ALA A 182 -4.97 -2.21 -9.59
CA ALA A 182 -3.66 -1.98 -10.20
C ALA A 182 -3.78 -1.43 -11.61
N SER A 183 -2.87 -0.52 -11.98
CA SER A 183 -2.79 0.01 -13.33
C SER A 183 -1.37 -0.13 -13.87
N ASP A 184 -1.23 0.03 -15.18
CA ASP A 184 0.09 -0.03 -15.80
C ASP A 184 0.53 1.34 -16.27
N ARG A 185 1.75 1.40 -16.78
CA ARG A 185 2.33 2.70 -17.09
C ARG A 185 1.67 3.39 -18.27
N TYR A 186 0.79 2.72 -19.00
CA TYR A 186 0.02 3.32 -20.08
C TYR A 186 -1.38 3.68 -19.61
N ASP A 187 -1.63 3.62 -18.31
CA ASP A 187 -2.92 3.96 -17.72
C ASP A 187 -4.01 2.99 -18.12
N ARG A 188 -3.67 1.73 -18.38
CA ARG A 188 -4.67 0.69 -18.49
C ARG A 188 -4.80 0.01 -17.13
N ARG A 189 -6.01 -0.39 -16.77
CA ARG A 189 -6.14 -1.35 -15.68
C ARG A 189 -5.17 -2.49 -15.96
N SER A 190 -4.38 -2.85 -14.95
CA SER A 190 -3.47 -3.97 -15.16
C SER A 190 -4.27 -5.22 -15.53
N SER A 191 -3.68 -6.08 -16.37
CA SER A 191 -4.44 -7.18 -16.95
C SER A 191 -5.01 -8.11 -15.90
N PHE A 192 -4.31 -8.28 -14.77
CA PHE A 192 -4.72 -9.18 -13.69
C PHE A 192 -5.59 -8.49 -12.63
N SER A 193 -5.79 -7.19 -12.68
CA SER A 193 -6.38 -6.51 -11.53
C SER A 193 -7.84 -6.87 -11.37
N ASN A 194 -8.24 -7.17 -10.16
CA ASN A 194 -9.66 -7.23 -9.89
C ASN A 194 -10.29 -5.85 -10.09
N TYR A 195 -11.61 -5.84 -10.11
CA TYR A 195 -12.39 -4.65 -10.36
C TYR A 195 -13.67 -4.81 -9.53
N GLY A 196 -14.65 -3.95 -9.76
CA GLY A 196 -15.92 -4.08 -9.09
C GLY A 196 -16.24 -2.86 -8.25
N SER A 197 -17.49 -2.85 -7.75
CA SER A 197 -17.96 -1.72 -6.98
C SER A 197 -17.19 -1.50 -5.69
N VAL A 198 -16.57 -2.54 -5.13
CA VAL A 198 -15.91 -2.33 -3.85
C VAL A 198 -14.54 -1.65 -3.99
N LEU A 199 -13.98 -1.59 -5.20
CA LEU A 199 -12.70 -0.91 -5.33
C LEU A 199 -12.88 0.56 -5.00
N ASP A 200 -11.92 1.12 -4.26
CA ASP A 200 -11.92 2.53 -3.93
C ASP A 200 -11.04 3.36 -4.87
N ILE A 201 -10.00 2.76 -5.42
CA ILE A 201 -8.92 3.54 -6.03
C ILE A 201 -8.04 2.56 -6.79
N PHE A 202 -7.28 3.08 -7.77
CA PHE A 202 -6.24 2.33 -8.44
C PHE A 202 -4.88 2.97 -8.13
N GLY A 203 -3.86 2.12 -8.11
CA GLY A 203 -2.50 2.60 -8.01
C GLY A 203 -1.63 1.86 -8.97
N PRO A 204 -0.42 2.35 -9.19
CA PRO A 204 0.51 1.66 -10.12
C PRO A 204 0.81 0.26 -9.63
N GLY A 205 0.60 -0.72 -10.50
CA GLY A 205 0.81 -2.10 -10.10
C GLY A 205 1.57 -2.96 -11.07
N THR A 206 1.78 -2.53 -12.32
CA THR A 206 2.48 -3.37 -13.29
C THR A 206 3.93 -2.90 -13.40
N ASP A 207 4.87 -3.83 -13.21
N ASP A 207 4.87 -3.83 -13.18
CA ASP A 207 6.29 -3.55 -13.43
CA ASP A 207 6.27 -3.56 -13.43
C ASP A 207 6.80 -2.48 -12.45
C ASP A 207 6.79 -2.49 -12.46
N ILE A 208 6.66 -2.80 -11.18
CA ILE A 208 7.00 -1.88 -10.09
C ILE A 208 8.37 -2.25 -9.52
N LEU A 209 9.34 -1.38 -9.70
CA LEU A 209 10.68 -1.57 -9.13
C LEU A 209 10.68 -1.24 -7.64
N SER A 210 11.23 -2.13 -6.81
CA SER A 210 11.39 -1.78 -5.40
C SER A 210 12.50 -2.64 -4.78
N THR A 211 12.65 -2.51 -3.47
CA THR A 211 13.60 -3.30 -2.69
C THR A 211 13.25 -4.79 -2.73
N TRP A 212 14.28 -5.62 -2.56
CA TRP A 212 14.13 -7.06 -2.45
C TRP A 212 15.14 -7.55 -1.41
N ILE A 213 14.93 -8.80 -0.98
CA ILE A 213 15.83 -9.37 0.02
C ILE A 213 17.25 -9.56 -0.55
N GLY A 214 18.20 -9.70 0.37
CA GLY A 214 19.59 -9.75 -0.06
C GLY A 214 20.14 -8.39 -0.42
N GLY A 215 19.54 -7.32 0.07
CA GLY A 215 19.98 -5.98 -0.26
C GLY A 215 19.83 -5.65 -1.73
N SER A 216 18.87 -6.26 -2.41
N SER A 216 18.88 -6.26 -2.42
CA SER A 216 18.76 -6.16 -3.86
CA SER A 216 18.77 -6.16 -3.85
C SER A 216 17.53 -5.33 -4.25
C SER A 216 17.52 -5.36 -4.24
N THR A 217 17.22 -5.33 -5.53
CA THR A 217 16.00 -4.70 -6.03
C THR A 217 15.44 -5.56 -7.15
N ARG A 218 14.13 -5.45 -7.38
CA ARG A 218 13.57 -6.08 -8.58
C ARG A 218 12.21 -5.47 -8.89
N SER A 219 11.73 -5.74 -10.10
N SER A 219 11.77 -5.70 -10.11
CA SER A 219 10.45 -5.22 -10.56
CA SER A 219 10.45 -5.25 -10.54
C SER A 219 9.45 -6.36 -10.68
C SER A 219 9.52 -6.44 -10.53
N ILE A 220 8.33 -6.25 -9.97
CA ILE A 220 7.29 -7.27 -9.99
C ILE A 220 5.94 -6.57 -10.18
N SER A 221 4.91 -7.36 -10.43
CA SER A 221 3.60 -6.81 -10.73
C SER A 221 2.53 -7.41 -9.82
N GLY A 222 1.50 -6.64 -9.51
CA GLY A 222 0.38 -7.14 -8.74
C GLY A 222 -0.38 -6.00 -8.10
N THR A 223 -1.63 -6.30 -7.70
CA THR A 223 -2.32 -5.37 -6.81
C THR A 223 -1.60 -5.24 -5.47
N SER A 224 -0.76 -6.23 -5.14
CA SER A 224 0.14 -6.10 -3.99
C SER A 224 1.12 -4.95 -4.15
N MET A 225 1.46 -4.57 -5.37
CA MET A 225 2.35 -3.44 -5.60
C MET A 225 1.60 -2.12 -5.63
N ALA A 226 0.33 -2.16 -6.03
CA ALA A 226 -0.46 -0.94 -6.06
C ALA A 226 -0.82 -0.51 -4.66
N THR A 227 -1.17 -1.46 -3.80
CA THR A 227 -1.57 -1.19 -2.42
C THR A 227 -0.56 -0.35 -1.66
N PRO A 228 0.74 -0.67 -1.64
CA PRO A 228 1.68 0.20 -0.91
C PRO A 228 1.85 1.56 -1.52
N HIS A 229 1.55 1.77 -2.80
CA HIS A 229 1.51 3.13 -3.30
C HIS A 229 0.46 3.93 -2.56
N VAL A 230 -0.72 3.33 -2.39
CA VAL A 230 -1.81 4.01 -1.72
C VAL A 230 -1.55 4.12 -0.23
N ALA A 231 -0.97 3.09 0.37
CA ALA A 231 -0.65 3.21 1.79
C ALA A 231 0.38 4.29 2.02
N GLY A 232 1.40 4.34 1.15
CA GLY A 232 2.42 5.36 1.28
C GLY A 232 1.84 6.75 1.04
N LEU A 233 0.95 6.89 0.05
CA LEU A 233 0.31 8.19 -0.21
C LEU A 233 -0.54 8.62 0.97
N ALA A 234 -1.26 7.67 1.59
CA ALA A 234 -2.00 8.03 2.79
C ALA A 234 -1.07 8.55 3.86
N ALA A 235 0.04 7.84 4.12
CA ALA A 235 0.98 8.30 5.13
C ALA A 235 1.49 9.70 4.79
N TYR A 236 1.84 9.90 3.53
CA TYR A 236 2.30 11.19 3.07
C TYR A 236 1.26 12.28 3.33
N LEU A 237 -0.01 12.03 2.95
CA LEU A 237 -1.06 13.04 3.12
C LEU A 237 -1.42 13.25 4.56
N MET A 238 -1.35 12.20 5.38
N MET A 238 -1.32 12.20 5.40
CA MET A 238 -1.56 12.36 6.81
CA MET A 238 -1.58 12.39 6.83
C MET A 238 -0.49 13.24 7.43
C MET A 238 -0.48 13.23 7.46
N THR A 239 0.77 13.03 7.06
CA THR A 239 1.84 13.90 7.54
C THR A 239 1.59 15.35 7.13
N LEU A 240 1.08 15.57 5.92
CA LEU A 240 0.72 16.92 5.51
C LEU A 240 -0.51 17.46 6.22
N GLY A 241 -1.20 16.65 7.01
CA GLY A 241 -2.39 17.13 7.67
C GLY A 241 -3.59 17.26 6.77
N LYS A 242 -3.54 16.76 5.55
CA LYS A 242 -4.66 16.93 4.65
C LYS A 242 -5.79 15.97 4.96
N THR A 243 -5.51 14.89 5.66
CA THR A 243 -6.55 13.93 5.95
C THR A 243 -6.16 13.18 7.21
N THR A 244 -7.00 12.22 7.58
CA THR A 244 -6.82 11.41 8.78
C THR A 244 -6.95 9.96 8.38
N ALA A 245 -6.65 9.08 9.32
CA ALA A 245 -6.74 7.67 9.02
C ALA A 245 -8.16 7.28 8.63
N ALA A 246 -9.16 7.84 9.32
CA ALA A 246 -10.55 7.48 9.04
C ALA A 246 -10.99 7.95 7.65
N SER A 247 -10.43 9.05 7.16
N SER A 247 -10.43 9.05 7.16
CA SER A 247 -10.94 9.70 5.96
CA SER A 247 -10.94 9.70 5.96
C SER A 247 -9.98 9.66 4.78
C SER A 247 -9.97 9.66 4.78
N ALA A 248 -8.81 9.02 4.93
CA ALA A 248 -7.78 9.11 3.91
C ALA A 248 -8.20 8.45 2.60
N CYS A 249 -8.91 7.32 2.68
CA CYS A 249 -9.30 6.64 1.45
C CYS A 249 -10.25 7.52 0.65
N ARG A 250 -11.22 8.10 1.33
CA ARG A 250 -12.16 8.99 0.66
C ARG A 250 -11.44 10.23 0.12
N TYR A 251 -10.51 10.77 0.88
CA TYR A 251 -9.73 11.91 0.40
C TYR A 251 -8.93 11.52 -0.86
N ILE A 252 -8.28 10.36 -0.82
CA ILE A 252 -7.52 9.92 -1.98
C ILE A 252 -8.43 9.74 -3.20
N ALA A 253 -9.62 9.17 -3.00
CA ALA A 253 -10.54 9.06 -4.13
C ALA A 253 -11.00 10.43 -4.62
N ASP A 254 -11.29 11.34 -3.69
N ASP A 254 -11.25 11.37 -3.72
CA ASP A 254 -11.73 12.69 -4.01
CA ASP A 254 -11.79 12.64 -4.21
C ASP A 254 -10.75 13.37 -4.95
C ASP A 254 -10.74 13.54 -4.84
N THR A 255 -9.45 13.23 -4.64
CA THR A 255 -8.38 13.98 -5.25
C THR A 255 -7.64 13.20 -6.33
N ALA A 256 -8.15 12.02 -6.68
CA ALA A 256 -7.52 11.14 -7.66
C ALA A 256 -7.59 11.74 -9.06
N ASN A 257 -6.71 11.29 -9.96
CA ASN A 257 -6.96 11.51 -11.36
C ASN A 257 -8.18 10.71 -11.79
N LYS A 258 -9.14 11.38 -12.40
CA LYS A 258 -10.43 10.80 -12.73
C LYS A 258 -10.55 10.55 -14.23
N GLY A 259 -11.04 9.37 -14.59
CA GLY A 259 -11.25 8.97 -15.98
C GLY A 259 -10.00 8.75 -16.81
N ASP A 260 -8.82 8.72 -16.20
CA ASP A 260 -7.60 8.53 -16.97
C ASP A 260 -7.37 7.09 -17.37
N LEU A 261 -8.01 6.13 -16.73
CA LEU A 261 -7.67 4.73 -16.95
C LEU A 261 -8.53 4.13 -18.06
N SER A 262 -7.98 3.15 -18.77
CA SER A 262 -8.73 2.38 -19.75
C SER A 262 -8.98 0.97 -19.25
N ASN A 263 -9.87 0.26 -19.96
N ASN A 263 -9.93 0.31 -19.89
CA ASN A 263 -10.34 -1.08 -19.58
CA ASN A 263 -10.29 -1.07 -19.58
C ASN A 263 -10.80 -1.11 -18.13
C ASN A 263 -10.97 -1.20 -18.21
N ILE A 264 -11.59 -0.12 -17.74
CA ILE A 264 -12.30 -0.12 -16.46
C ILE A 264 -13.75 -0.52 -16.73
N PRO A 265 -14.21 -1.66 -16.23
CA PRO A 265 -15.60 -2.06 -16.47
C PRO A 265 -16.58 -1.11 -15.83
N PHE A 266 -17.72 -0.93 -16.50
N PHE A 266 -17.75 -1.01 -16.46
CA PHE A 266 -18.73 -0.01 -15.99
CA PHE A 266 -18.90 -0.28 -15.93
C PHE A 266 -19.13 -0.46 -14.58
C PHE A 266 -19.05 -0.56 -14.45
N GLY A 267 -19.20 0.50 -13.66
CA GLY A 267 -19.45 0.26 -12.24
C GLY A 267 -18.21 0.16 -11.37
N THR A 268 -17.02 0.20 -11.95
CA THR A 268 -15.79 0.28 -11.18
C THR A 268 -15.29 1.72 -11.27
N VAL A 269 -14.80 2.26 -10.15
CA VAL A 269 -14.27 3.62 -10.17
C VAL A 269 -13.14 3.73 -11.20
N ASN A 270 -13.08 4.88 -11.85
CA ASN A 270 -11.97 5.24 -12.72
C ASN A 270 -11.23 6.35 -11.99
N LEU A 271 -10.45 5.96 -10.98
CA LEU A 271 -9.75 6.91 -10.13
C LEU A 271 -8.36 6.36 -9.90
N LEU A 272 -7.34 7.19 -10.11
CA LEU A 272 -5.95 6.79 -10.01
C LEU A 272 -5.27 7.68 -8.99
N ALA A 273 -4.69 7.07 -7.95
CA ALA A 273 -4.11 7.81 -6.84
C ALA A 273 -3.15 8.89 -7.31
N TYR A 274 -3.27 10.08 -6.70
CA TYR A 274 -2.58 11.26 -7.18
C TYR A 274 -2.31 12.19 -5.99
N ASN A 275 -1.06 12.66 -5.85
CA ASN A 275 -0.72 13.42 -4.67
C ASN A 275 -1.03 14.90 -4.79
N ASN A 276 -1.41 15.37 -5.98
N ASN A 276 -1.45 15.36 -5.97
CA ASN A 276 -1.79 16.76 -6.16
CA ASN A 276 -1.77 16.77 -6.20
C ASN A 276 -0.70 17.75 -5.74
C ASN A 276 -0.71 17.70 -5.63
N TYR A 277 0.56 17.34 -5.82
CA TYR A 277 1.63 18.17 -5.28
C TYR A 277 1.82 19.37 -6.19
N GLN A 278 1.83 20.55 -5.59
CA GLN A 278 2.14 21.79 -6.30
C GLN A 278 3.30 22.45 -5.56
N ALA A 279 4.44 22.57 -6.22
CA ALA A 279 5.62 23.23 -5.62
C ALA A 279 5.27 24.64 -5.17
CA CA B . -13.87 0.93 0.70
CA CA C . -5.15 12.87 -16.83
N NO3 D . 8.39 -19.27 7.32
O1 NO3 D . 8.65 -19.98 8.29
O2 NO3 D . 8.32 -18.04 7.45
O3 NO3 D . 8.16 -19.78 6.21
#